data_3JXT
#
_entry.id   3JXT
#
_cell.length_a   49.597
_cell.length_b   54.215
_cell.length_c   86.023
_cell.angle_alpha   90.00
_cell.angle_beta   90.00
_cell.angle_gamma   90.00
#
_symmetry.space_group_name_H-M   'P 21 21 21'
#
loop_
_entity.id
_entity.type
_entity.pdbx_description
1 polymer 'Disks large homolog 3'
2 polymer 'Voltage-dependent calcium channel gamma-2 subunit'
3 non-polymer 'ACETATE ION'
4 water water
#
loop_
_entity_poly.entity_id
_entity_poly.type
_entity_poly.pdbx_seq_one_letter_code
_entity_poly.pdbx_strand_id
1 'polypeptide(L)'
;SGSLAEEDFTREPRKIILHKGSTGLGFNIVGGEDGEGIFVSFILAGGPADLSGELRRGDRILSVNGVNLRNATHEQAAAA
LKRAGQSVTIVAQYRPEEYSRFES
;
A,B
2 'polypeptide(L)' (ACE)(4DB)RTTPV C,D
#
# COMPACT_ATOMS: atom_id res chain seq x y z
N ASP A 8 6.41 8.27 19.33
CA ASP A 8 6.39 6.91 19.94
C ASP A 8 7.80 6.44 20.26
N PHE A 9 8.42 7.04 21.27
CA PHE A 9 9.84 6.82 21.50
C PHE A 9 10.15 5.49 22.19
N THR A 10 9.16 4.96 22.91
CA THR A 10 9.34 3.69 23.60
C THR A 10 9.11 2.50 22.66
N ARG A 11 8.25 2.70 21.67
CA ARG A 11 7.87 1.63 20.75
C ARG A 11 7.19 0.47 21.48
N GLU A 12 6.53 0.77 22.59
CA GLU A 12 5.66 -0.22 23.23
C GLU A 12 4.58 -0.63 22.26
N PRO A 13 4.28 -1.93 22.20
CA PRO A 13 3.07 -2.35 21.50
C PRO A 13 1.85 -1.65 22.05
N ARG A 14 0.87 -1.40 21.19
CA ARG A 14 -0.41 -0.81 21.61
C ARG A 14 -1.56 -1.76 21.33
N LYS A 15 -2.47 -1.88 22.28
CA LYS A 15 -3.74 -2.56 22.05
C LYS A 15 -4.72 -1.61 21.36
N ILE A 16 -5.20 -2.03 20.20
CA ILE A 16 -6.11 -1.21 19.40
C ILE A 16 -7.39 -1.98 19.15
N ILE A 17 -8.52 -1.43 19.59
CA ILE A 17 -9.81 -2.04 19.32
C ILE A 17 -10.47 -1.39 18.11
N LEU A 18 -10.80 -2.21 17.12
CA LEU A 18 -11.49 -1.74 15.93
C LEU A 18 -12.80 -2.49 15.74
N HIS A 19 -13.82 -1.79 15.24
CA HIS A 19 -15.05 -2.44 14.82
C HIS A 19 -15.22 -2.35 13.31
N LYS A 20 -15.37 -3.51 12.68
CA LYS A 20 -15.45 -3.58 11.22
C LYS A 20 -16.67 -2.80 10.72
N GLY A 21 -16.51 -2.11 9.60
CA GLY A 21 -17.65 -1.71 8.79
C GLY A 21 -17.94 -2.71 7.68
N SER A 22 -18.68 -2.26 6.67
CA SER A 22 -19.20 -3.15 5.64
C SER A 22 -18.09 -3.79 4.81
N THR A 23 -16.92 -3.17 4.83
CA THR A 23 -15.81 -3.65 4.01
C THR A 23 -14.56 -3.87 4.86
N GLY A 24 -14.77 -4.24 6.12
CA GLY A 24 -13.69 -4.75 6.96
C GLY A 24 -13.08 -3.71 7.87
N LEU A 25 -11.82 -3.93 8.24
CA LEU A 25 -11.11 -3.08 9.18
C LEU A 25 -10.54 -1.84 8.50
N GLY A 26 -10.32 -1.93 7.20
CA GLY A 26 -9.88 -0.78 6.41
C GLY A 26 -8.38 -0.56 6.39
N PHE A 27 -7.60 -1.64 6.36
CA PHE A 27 -6.18 -1.53 6.04
C PHE A 27 -5.69 -2.71 5.22
N ASN A 28 -4.54 -2.55 4.56
CA ASN A 28 -3.90 -3.67 3.87
C ASN A 28 -2.72 -4.18 4.68
N ILE A 29 -2.50 -5.49 4.64
CA ILE A 29 -1.28 -6.10 5.20
C ILE A 29 -0.28 -6.47 4.12
N VAL A 30 1.00 -6.38 4.49
CA VAL A 30 2.10 -6.81 3.64
C VAL A 30 3.05 -7.66 4.48
N GLY A 31 3.79 -8.56 3.85
CA GLY A 31 4.77 -9.37 4.56
C GLY A 31 4.30 -10.81 4.77
N GLY A 32 4.92 -11.49 5.73
CA GLY A 32 4.68 -12.91 5.94
C GLY A 32 5.05 -13.73 4.71
N GLU A 33 6.05 -13.26 3.98
CA GLU A 33 6.53 -13.95 2.79
C GLU A 33 7.66 -14.91 3.14
N ASP A 34 8.34 -14.63 4.24
CA ASP A 34 9.55 -15.37 4.59
C ASP A 34 9.93 -15.19 6.06
N GLY A 35 8.92 -15.22 6.93
CA GLY A 35 9.15 -15.23 8.38
C GLY A 35 9.44 -13.87 8.98
N GLU A 36 9.24 -12.82 8.18
CA GLU A 36 9.65 -11.47 8.55
C GLU A 36 8.54 -10.69 9.25
N GLY A 37 7.36 -11.28 9.35
CA GLY A 37 6.25 -10.65 10.06
C GLY A 37 5.29 -9.88 9.17
N ILE A 38 4.24 -9.37 9.79
CA ILE A 38 3.08 -8.82 9.09
C ILE A 38 2.99 -7.33 9.40
N PHE A 39 2.94 -6.51 8.36
CA PHE A 39 2.98 -5.06 8.52
C PHE A 39 1.79 -4.39 7.86
N VAL A 40 1.44 -3.21 8.37
CA VAL A 40 0.42 -2.37 7.75
C VAL A 40 1.02 -1.57 6.60
N SER A 41 0.53 -1.80 5.39
CA SER A 41 1.05 -1.12 4.21
C SER A 41 0.22 0.11 3.82
N PHE A 42 -1.05 0.12 4.23
CA PHE A 42 -2.03 1.00 3.62
C PHE A 42 -3.18 1.13 4.60
N ILE A 43 -3.63 2.37 4.84
CA ILE A 43 -4.77 2.61 5.71
C ILE A 43 -5.83 3.41 4.97
N LEU A 44 -6.99 2.81 4.77
CA LEU A 44 -8.00 3.38 3.88
C LEU A 44 -8.66 4.62 4.48
N ALA A 45 -8.62 5.72 3.74
CA ALA A 45 -9.22 6.98 4.20
C ALA A 45 -10.69 6.77 4.55
N GLY A 46 -11.07 7.17 5.76
CA GLY A 46 -12.47 7.06 6.18
C GLY A 46 -12.95 5.64 6.45
N GLY A 47 -12.02 4.70 6.57
CA GLY A 47 -12.33 3.38 7.10
C GLY A 47 -12.08 3.31 8.60
N PRO A 48 -12.48 2.21 9.24
CA PRO A 48 -12.34 2.11 10.69
C PRO A 48 -10.93 2.34 11.23
N ALA A 49 -9.92 1.73 10.63
CA ALA A 49 -8.56 1.91 11.11
C ALA A 49 -8.12 3.37 11.03
N ASP A 50 -8.44 4.02 9.93
CA ASP A 50 -8.13 5.43 9.76
C ASP A 50 -8.84 6.27 10.83
N LEU A 51 -10.14 6.07 10.96
CA LEU A 51 -10.96 6.92 11.82
C LEU A 51 -10.61 6.76 13.30
N SER A 52 -10.13 5.58 13.67
CA SER A 52 -9.62 5.35 15.02
C SER A 52 -8.34 6.15 15.29
N GLY A 53 -7.52 6.31 14.27
CA GLY A 53 -6.34 7.17 14.37
C GLY A 53 -5.11 6.50 14.93
N GLU A 54 -5.27 5.26 15.42
CA GLU A 54 -4.23 4.61 16.21
C GLU A 54 -3.22 3.85 15.36
N LEU A 55 -3.72 3.05 14.41
CA LEU A 55 -2.86 2.25 13.55
C LEU A 55 -2.05 3.16 12.63
N ARG A 56 -0.82 2.76 12.33
CA ARG A 56 0.01 3.51 11.38
C ARG A 56 0.66 2.59 10.33
N ARG A 57 0.90 3.14 9.14
CA ARG A 57 1.79 2.49 8.20
C ARG A 57 3.12 2.15 8.86
N GLY A 58 3.58 0.93 8.70
CA GLY A 58 4.84 0.48 9.30
C GLY A 58 4.69 -0.12 10.69
N ASP A 59 3.45 -0.16 11.19
CA ASP A 59 3.13 -1.00 12.33
C ASP A 59 3.31 -2.47 11.96
N ARG A 60 3.98 -3.22 12.82
CA ARG A 60 3.91 -4.67 12.77
C ARG A 60 2.71 -5.15 13.57
N ILE A 61 1.95 -6.07 12.99
CA ILE A 61 0.82 -6.68 13.68
C ILE A 61 1.34 -7.84 14.50
N LEU A 62 1.26 -7.72 15.81
CA LEU A 62 1.83 -8.73 16.71
C LEU A 62 0.80 -9.80 17.07
N SER A 63 -0.45 -9.40 17.21
CA SER A 63 -1.51 -10.36 17.52
C SER A 63 -2.89 -9.82 17.13
N VAL A 64 -3.82 -10.74 16.94
CA VAL A 64 -5.21 -10.40 16.63
C VAL A 64 -6.14 -11.26 17.47
N ASN A 65 -7.02 -10.64 18.24
CA ASN A 65 -7.88 -11.37 19.17
C ASN A 65 -7.12 -12.49 19.87
N GLY A 66 -5.94 -12.17 20.39
CA GLY A 66 -5.24 -13.05 21.32
C GLY A 66 -4.36 -14.07 20.62
N VAL A 67 -4.33 -14.03 19.30
CA VAL A 67 -3.55 -14.96 18.51
C VAL A 67 -2.25 -14.33 18.03
N ASN A 68 -1.13 -15.00 18.30
CA ASN A 68 0.20 -14.49 17.97
C ASN A 68 0.47 -14.54 16.47
N LEU A 69 0.58 -13.36 15.85
CA LEU A 69 0.90 -13.27 14.43
C LEU A 69 2.35 -12.90 14.13
N ARG A 70 3.20 -12.90 15.15
CA ARG A 70 4.58 -12.49 14.97
C ARG A 70 5.26 -13.31 13.89
N ASN A 71 4.96 -14.61 13.84
CA ASN A 71 5.58 -15.50 12.88
C ASN A 71 4.61 -15.99 11.79
N ALA A 72 3.50 -15.26 11.63
CA ALA A 72 2.46 -15.66 10.68
C ALA A 72 2.95 -15.55 9.24
N THR A 73 2.54 -16.49 8.39
CA THR A 73 2.58 -16.27 6.94
C THR A 73 1.52 -15.25 6.53
N HIS A 74 1.69 -14.70 5.33
CA HIS A 74 0.70 -13.77 4.81
C HIS A 74 -0.70 -14.38 4.92
N GLU A 75 -0.80 -15.65 4.55
CA GLU A 75 -2.08 -16.34 4.42
C GLU A 75 -2.70 -16.61 5.78
N GLN A 76 -1.86 -16.95 6.76
CA GLN A 76 -2.35 -17.15 8.13
C GLN A 76 -2.89 -15.85 8.70
N ALA A 77 -2.18 -14.76 8.44
CA ALA A 77 -2.58 -13.45 8.96
C ALA A 77 -3.89 -12.99 8.31
N ALA A 78 -3.99 -13.17 7.00
CA ALA A 78 -5.23 -12.85 6.29
C ALA A 78 -6.41 -13.62 6.87
N ALA A 79 -6.20 -14.92 7.12
CA ALA A 79 -7.26 -15.77 7.65
C ALA A 79 -7.73 -15.26 9.01
N ALA A 80 -6.78 -14.95 9.89
CA ALA A 80 -7.11 -14.48 11.23
C ALA A 80 -7.88 -13.16 11.16
N LEU A 81 -7.39 -12.23 10.35
CA LEU A 81 -7.94 -10.88 10.33
C LEU A 81 -9.30 -10.83 9.66
N LYS A 82 -9.48 -11.65 8.62
CA LYS A 82 -10.74 -11.66 7.88
C LYS A 82 -11.85 -12.36 8.66
N ARG A 83 -11.48 -13.32 9.50
CA ARG A 83 -12.48 -14.14 10.20
C ARG A 83 -12.85 -13.56 11.56
N ALA A 84 -12.17 -12.50 11.97
CA ALA A 84 -12.34 -11.93 13.30
C ALA A 84 -13.69 -11.23 13.42
N GLN A 86 -15.71 -8.37 13.56
CA GLN A 86 -16.67 -7.61 14.34
C GLN A 86 -15.99 -6.54 15.18
N SER A 87 -15.95 -6.76 16.49
CA SER A 87 -14.94 -6.12 17.34
C SER A 87 -13.64 -6.94 17.32
N VAL A 88 -12.60 -6.35 16.75
CA VAL A 88 -11.29 -7.01 16.68
C VAL A 88 -10.26 -6.30 17.55
N THR A 89 -9.56 -7.06 18.37
CA THR A 89 -8.51 -6.52 19.22
C THR A 89 -7.14 -6.79 18.62
N ILE A 90 -6.49 -5.73 18.16
CA ILE A 90 -5.18 -5.85 17.53
C ILE A 90 -4.11 -5.35 18.48
N VAL A 91 -3.01 -6.08 18.59
CA VAL A 91 -1.79 -5.51 19.14
C VAL A 91 -0.80 -5.16 18.03
N ALA A 92 -0.47 -3.88 17.95
CA ALA A 92 0.39 -3.36 16.90
C ALA A 92 1.61 -2.70 17.53
N GLN A 93 2.73 -2.74 16.82
CA GLN A 93 3.95 -2.12 17.31
C GLN A 93 4.68 -1.44 16.18
N TYR A 94 5.04 -0.17 16.40
CA TYR A 94 5.73 0.60 15.38
C TYR A 94 7.15 0.06 15.22
N ARG A 95 7.46 -0.39 14.00
CA ARG A 95 8.78 -0.94 13.70
C ARG A 95 9.30 -0.38 12.38
N PRO A 96 9.60 0.93 12.34
CA PRO A 96 10.00 1.58 11.09
C PRO A 96 11.27 0.97 10.46
N GLU A 97 12.20 0.52 11.28
CA GLU A 97 13.43 -0.06 10.75
C GLU A 97 13.16 -1.35 9.98
N GLU A 98 12.38 -2.24 10.58
CA GLU A 98 11.95 -3.45 9.90
C GLU A 98 11.11 -3.14 8.67
N TYR A 99 10.23 -2.15 8.79
CA TYR A 99 9.36 -1.81 7.67
C TYR A 99 10.14 -1.25 6.48
N SER A 100 11.33 -0.73 6.75
CA SER A 100 12.18 -0.16 5.70
C SER A 100 12.66 -1.20 4.68
N ARG A 101 12.55 -2.48 5.03
CA ARG A 101 12.86 -3.54 4.08
C ARG A 101 11.74 -3.66 3.04
N PHE A 102 10.57 -3.13 3.39
CA PHE A 102 9.43 -3.11 2.48
C PHE A 102 9.37 -1.83 1.66
N GLU A 103 9.53 -0.69 2.34
CA GLU A 103 9.39 0.63 1.72
C GLU A 103 10.43 1.55 2.32
N SER A 104 11.20 2.21 1.46
CA SER A 104 12.13 3.24 1.91
C SER A 104 11.41 4.50 2.33
N THR B 10 6.64 21.21 -7.87
CA THR B 10 6.42 19.85 -7.32
C THR B 10 5.01 19.36 -7.61
N ARG B 11 4.13 20.28 -7.97
CA ARG B 11 2.73 19.96 -8.17
C ARG B 11 2.38 19.74 -9.63
N GLU B 12 3.33 20.01 -10.52
CA GLU B 12 3.10 19.93 -11.95
C GLU B 12 3.43 18.54 -12.48
N PRO B 13 2.75 18.11 -13.54
CA PRO B 13 3.09 16.82 -14.11
C PRO B 13 4.56 16.78 -14.51
N ARG B 14 5.19 15.62 -14.36
CA ARG B 14 6.56 15.48 -14.78
C ARG B 14 6.85 14.08 -15.31
N LYS B 15 7.87 13.99 -16.15
CA LYS B 15 8.21 12.75 -16.81
C LYS B 15 9.24 11.97 -16.01
N ILE B 16 8.99 10.68 -15.85
CA ILE B 16 9.86 9.77 -15.12
C ILE B 16 10.14 8.56 -15.98
N ILE B 17 11.42 8.27 -16.21
CA ILE B 17 11.81 7.09 -16.96
C ILE B 17 12.25 5.99 -16.00
N LEU B 18 11.60 4.83 -16.11
CA LEU B 18 11.95 3.69 -15.27
C LEU B 18 12.39 2.53 -16.15
N HIS B 19 13.42 1.82 -15.72
CA HIS B 19 13.77 0.56 -16.32
C HIS B 19 13.37 -0.59 -15.39
N LYS B 20 12.53 -1.49 -15.89
CA LYS B 20 12.04 -2.58 -15.06
C LYS B 20 13.20 -3.49 -14.67
N GLY B 21 13.14 -4.00 -13.44
CA GLY B 21 14.05 -5.04 -13.00
C GLY B 21 13.35 -6.39 -12.96
N SER B 22 13.85 -7.28 -12.12
CA SER B 22 13.41 -8.67 -12.16
C SER B 22 11.96 -8.82 -11.72
N THR B 23 11.46 -7.85 -10.97
CA THR B 23 10.13 -7.95 -10.37
C THR B 23 9.20 -6.85 -10.86
N GLY B 24 9.53 -6.27 -12.02
CA GLY B 24 8.72 -5.21 -12.58
C GLY B 24 9.22 -3.83 -12.18
N LEU B 25 8.30 -2.87 -12.12
CA LEU B 25 8.67 -1.49 -11.86
C LEU B 25 8.84 -1.21 -10.38
N GLY B 26 8.18 -1.99 -9.53
CA GLY B 26 8.38 -1.92 -8.09
C GLY B 26 7.51 -0.90 -7.40
N PHE B 27 6.27 -0.75 -7.88
CA PHE B 27 5.28 -0.02 -7.11
C PHE B 27 3.87 -0.62 -7.28
N ASN B 28 2.96 -0.27 -6.38
CA ASN B 28 1.56 -0.70 -6.48
C ASN B 28 0.72 0.49 -6.93
N ILE B 29 -0.34 0.21 -7.70
CA ILE B 29 -1.35 1.22 -8.01
C ILE B 29 -2.66 0.99 -7.26
N VAL B 30 -3.34 2.09 -6.97
CA VAL B 30 -4.66 2.07 -6.36
C VAL B 30 -5.53 3.04 -7.15
N GLY B 31 -6.84 2.81 -7.13
CA GLY B 31 -7.76 3.72 -7.81
C GLY B 31 -8.35 3.19 -9.10
N GLY B 32 -8.84 4.10 -9.93
CA GLY B 32 -9.61 3.70 -11.11
C GLY B 32 -10.80 2.82 -10.78
N GLU B 33 -11.43 3.08 -9.63
CA GLU B 33 -12.61 2.34 -9.21
C GLU B 33 -13.90 3.03 -9.66
N ASP B 34 -13.83 4.35 -9.81
CA ASP B 34 -15.01 5.12 -10.20
C ASP B 34 -14.61 6.46 -10.80
N GLY B 35 -13.65 6.43 -11.72
CA GLY B 35 -13.35 7.60 -12.53
C GLY B 35 -12.44 8.61 -11.84
N GLU B 36 -11.83 8.19 -10.73
CA GLU B 36 -11.09 9.10 -9.86
C GLU B 36 -9.58 9.15 -10.15
N GLY B 37 -9.11 8.33 -11.08
CA GLY B 37 -7.69 8.31 -11.41
C GLY B 37 -6.89 7.22 -10.71
N ILE B 38 -5.64 7.09 -11.14
CA ILE B 38 -4.76 6.00 -10.74
C ILE B 38 -3.59 6.58 -9.95
N PHE B 39 -3.33 6.01 -8.77
CA PHE B 39 -2.34 6.58 -7.85
C PHE B 39 -1.33 5.54 -7.38
N VAL B 40 -0.14 6.00 -7.02
CA VAL B 40 0.86 5.14 -6.39
C VAL B 40 0.54 4.92 -4.92
N SER B 41 0.42 3.64 -4.51
CA SER B 41 0.02 3.30 -3.16
C SER B 41 1.09 2.57 -2.35
N PHE B 42 2.24 2.30 -2.96
CA PHE B 42 3.31 1.51 -2.33
C PHE B 42 4.51 1.55 -3.26
N ILE B 43 5.70 1.68 -2.69
CA ILE B 43 6.93 1.61 -3.48
C ILE B 43 7.90 0.65 -2.82
N LEU B 44 8.28 -0.39 -3.54
CA LEU B 44 9.12 -1.46 -2.98
C LEU B 44 10.54 -0.97 -2.72
N ALA B 45 11.00 -1.06 -1.48
CA ALA B 45 12.36 -0.69 -1.14
C ALA B 45 13.38 -1.47 -1.99
N GLY B 46 14.27 -0.73 -2.64
CA GLY B 46 15.34 -1.35 -3.40
C GLY B 46 14.91 -1.82 -4.77
N GLY B 47 13.69 -1.45 -5.17
CA GLY B 47 13.23 -1.67 -6.55
C GLY B 47 13.40 -0.44 -7.42
N PRO B 48 13.13 -0.57 -8.72
CA PRO B 48 13.39 0.50 -9.68
C PRO B 48 12.74 1.84 -9.28
N ALA B 49 11.46 1.80 -8.92
CA ALA B 49 10.77 3.05 -8.61
C ALA B 49 11.38 3.72 -7.37
N ASP B 50 11.74 2.92 -6.38
CA ASP B 50 12.42 3.43 -5.21
C ASP B 50 13.74 4.09 -5.59
N LEU B 51 14.58 3.37 -6.32
CA LEU B 51 15.93 3.83 -6.57
C LEU B 51 15.95 5.07 -7.48
N SER B 52 14.95 5.20 -8.34
CA SER B 52 14.81 6.41 -9.15
C SER B 52 14.59 7.65 -8.29
N GLY B 53 13.86 7.47 -7.19
CA GLY B 53 13.68 8.55 -6.22
C GLY B 53 12.59 9.53 -6.62
N GLU B 54 12.01 9.34 -7.80
CA GLU B 54 11.12 10.34 -8.37
C GLU B 54 9.67 10.12 -7.94
N LEU B 55 9.19 8.90 -8.06
CA LEU B 55 7.81 8.57 -7.70
C LEU B 55 7.61 8.60 -6.19
N ARG B 56 6.42 9.02 -5.76
CA ARG B 56 6.04 8.92 -4.36
C ARG B 56 4.59 8.48 -4.21
N ARG B 57 4.27 7.92 -3.05
CA ARG B 57 2.87 7.71 -2.70
C ARG B 57 2.06 8.98 -2.91
N GLY B 58 0.90 8.83 -3.56
CA GLY B 58 0.02 9.95 -3.80
C GLY B 58 0.26 10.61 -5.15
N ASP B 59 1.32 10.19 -5.84
CA ASP B 59 1.45 10.54 -7.25
C ASP B 59 0.30 9.92 -8.04
N ARG B 60 -0.31 10.74 -8.89
CA ARG B 60 -1.26 10.25 -9.88
C ARG B 60 -0.54 9.91 -11.16
N ILE B 61 -0.79 8.71 -11.68
CA ILE B 61 -0.25 8.29 -12.97
C ILE B 61 -1.13 8.84 -14.09
N LEU B 62 -0.56 9.72 -14.90
CA LEU B 62 -1.30 10.38 -15.97
C LEU B 62 -1.07 9.70 -17.32
N SER B 63 0.13 9.16 -17.51
CA SER B 63 0.45 8.49 -18.76
C SER B 63 1.52 7.43 -18.59
N VAL B 64 1.44 6.39 -19.41
CA VAL B 64 2.46 5.36 -19.46
C VAL B 64 2.79 5.07 -20.92
N ASN B 65 4.05 5.23 -21.28
CA ASN B 65 4.47 5.06 -22.68
C ASN B 65 3.50 5.72 -23.65
N GLY B 66 3.09 6.95 -23.35
CA GLY B 66 2.41 7.80 -24.31
C GLY B 66 0.91 7.60 -24.36
N VAL B 67 0.39 6.74 -23.47
CA VAL B 67 -1.06 6.50 -23.39
C VAL B 67 -1.68 7.23 -22.20
N ASN B 68 -2.92 7.69 -22.38
CA ASN B 68 -3.60 8.55 -21.41
C ASN B 68 -4.32 7.74 -20.34
N LEU B 69 -3.76 7.70 -19.14
CA LEU B 69 -4.38 6.97 -18.02
C LEU B 69 -5.14 7.88 -17.07
N ARG B 70 -5.30 9.15 -17.42
CA ARG B 70 -6.05 10.08 -16.57
C ARG B 70 -7.37 9.45 -16.12
N ASN B 71 -8.11 8.89 -17.07
CA ASN B 71 -9.45 8.40 -16.80
C ASN B 71 -9.54 6.87 -16.88
N ALA B 72 -8.40 6.22 -16.76
CA ALA B 72 -8.34 4.76 -16.82
C ALA B 72 -9.03 4.11 -15.63
N THR B 73 -9.67 2.97 -15.87
CA THR B 73 -10.02 2.06 -14.79
C THR B 73 -8.77 1.37 -14.23
N HIS B 74 -8.91 0.81 -13.02
CA HIS B 74 -7.85 0.01 -12.42
C HIS B 74 -7.29 -0.99 -13.41
N GLU B 75 -8.20 -1.67 -14.10
CA GLU B 75 -7.86 -2.79 -14.94
C GLU B 75 -7.12 -2.31 -16.18
N GLN B 76 -7.57 -1.17 -16.73
CA GLN B 76 -6.89 -0.59 -17.88
C GLN B 76 -5.46 -0.17 -17.52
N ALA B 77 -5.30 0.46 -16.37
CA ALA B 77 -3.98 0.93 -15.96
C ALA B 77 -3.05 -0.23 -15.64
N ALA B 78 -3.57 -1.23 -14.94
CA ALA B 78 -2.80 -2.45 -14.66
C ALA B 78 -2.33 -3.10 -15.96
N ALA B 79 -3.23 -3.20 -16.93
CA ALA B 79 -2.88 -3.84 -18.20
C ALA B 79 -1.74 -3.09 -18.89
N ALA B 80 -1.85 -1.78 -18.96
CA ALA B 80 -0.83 -0.95 -19.60
C ALA B 80 0.52 -1.06 -18.89
N LEU B 81 0.50 -0.96 -17.56
CA LEU B 81 1.74 -0.99 -16.80
C LEU B 81 2.41 -2.36 -16.85
N LYS B 82 1.62 -3.42 -16.90
CA LYS B 82 2.17 -4.76 -16.94
C LYS B 82 2.78 -5.10 -18.30
N ARG B 83 2.47 -4.31 -19.31
CA ARG B 83 3.10 -4.44 -20.62
C ARG B 83 4.44 -3.72 -20.71
N ALA B 84 4.89 -3.16 -19.59
CA ALA B 84 6.16 -2.44 -19.55
C ALA B 84 7.28 -3.26 -20.19
N GLY B 85 8.06 -2.62 -21.05
CA GLY B 85 9.28 -3.22 -21.59
C GLY B 85 10.47 -2.93 -20.71
N GLN B 86 11.66 -2.98 -21.30
CA GLN B 86 12.89 -2.68 -20.57
C GLN B 86 12.93 -1.25 -20.05
N SER B 87 12.21 -0.37 -20.74
CA SER B 87 12.16 1.04 -20.38
C SER B 87 10.74 1.58 -20.46
N VAL B 88 10.28 2.24 -19.39
CA VAL B 88 8.94 2.80 -19.34
C VAL B 88 8.99 4.30 -19.08
N THR B 89 8.24 5.06 -19.86
CA THR B 89 8.07 6.49 -19.60
C THR B 89 6.74 6.74 -18.91
N ILE B 90 6.81 7.31 -17.72
CA ILE B 90 5.62 7.61 -16.94
C ILE B 90 5.53 9.13 -16.76
N VAL B 91 4.34 9.68 -16.94
CA VAL B 91 4.07 11.03 -16.46
C VAL B 91 3.22 10.97 -15.21
N ALA B 92 3.71 11.58 -14.14
CA ALA B 92 3.05 11.54 -12.85
C ALA B 92 2.84 12.95 -12.36
N GLN B 93 1.85 13.13 -11.50
CA GLN B 93 1.61 14.43 -10.89
C GLN B 93 1.24 14.23 -9.44
N TYR B 94 1.93 14.95 -8.56
CA TYR B 94 1.64 14.81 -7.13
C TYR B 94 0.34 15.53 -6.79
N ARG B 95 -0.63 14.75 -6.30
CA ARG B 95 -1.98 15.25 -6.10
C ARG B 95 -2.50 14.85 -4.73
N PRO B 96 -1.91 15.45 -3.68
CA PRO B 96 -2.16 14.98 -2.32
C PRO B 96 -3.63 15.13 -1.90
N GLU B 97 -4.30 16.19 -2.37
CA GLU B 97 -5.70 16.38 -2.04
C GLU B 97 -6.57 15.29 -2.65
N GLU B 98 -6.25 14.91 -3.88
CA GLU B 98 -6.94 13.80 -4.52
C GLU B 98 -6.62 12.46 -3.84
N TYR B 99 -5.35 12.28 -3.47
CA TYR B 99 -4.95 11.02 -2.84
C TYR B 99 -5.61 10.83 -1.47
N SER B 100 -6.10 11.93 -0.90
CA SER B 100 -6.78 11.86 0.40
C SER B 100 -8.04 11.00 0.37
N ARG B 101 -8.54 10.68 -0.83
CA ARG B 101 -9.63 9.72 -1.00
C ARG B 101 -9.18 8.31 -0.66
N PHE B 102 -7.86 8.09 -0.67
CA PHE B 102 -7.32 6.76 -0.48
C PHE B 102 -6.66 6.58 0.88
N GLU B 103 -5.82 7.54 1.26
CA GLU B 103 -5.21 7.53 2.58
C GLU B 103 -5.20 8.93 3.16
N SER B 104 -5.44 9.03 4.46
CA SER B 104 -5.36 10.31 5.16
C SER B 104 -3.92 10.66 5.52
N ARG C 3 -8.17 -2.79 -2.78
CA ARG C 3 -7.24 -3.52 -3.68
C ARG C 3 -6.19 -2.59 -4.27
N THR C 4 -4.96 -3.08 -4.32
CA THR C 4 -3.90 -2.41 -5.04
C THR C 4 -3.15 -3.46 -5.85
N THR C 5 -2.53 -3.04 -6.93
CA THR C 5 -1.93 -3.97 -7.89
C THR C 5 -0.45 -3.68 -8.09
N PRO C 6 0.41 -4.67 -7.80
CA PRO C 6 1.84 -4.52 -8.06
C PRO C 6 2.12 -4.45 -9.56
N VAL C 7 2.97 -3.52 -9.95
CA VAL C 7 3.45 -3.45 -11.33
C VAL C 7 4.97 -3.28 -11.35
N ARG D 3 2.71 -7.85 -3.21
CA ARG D 3 1.32 -8.23 -2.83
C ARG D 3 0.94 -7.68 -1.46
N THR D 4 -0.24 -7.08 -1.38
CA THR D 4 -0.82 -6.70 -0.10
C THR D 4 -2.28 -7.14 -0.09
N THR D 5 -2.82 -7.36 1.12
CA THR D 5 -4.16 -7.89 1.24
C THR D 5 -5.05 -6.99 2.09
N PRO D 6 -6.18 -6.54 1.51
CA PRO D 6 -7.15 -5.78 2.29
C PRO D 6 -7.82 -6.60 3.39
N VAL D 7 -7.90 -6.04 4.58
CA VAL D 7 -8.66 -6.65 5.66
C VAL D 7 -9.57 -5.62 6.33
#